data_3HBT
#
_entry.id   3HBT
#
_cell.length_a   95.731
_cell.length_b   95.731
_cell.length_c   96.948
_cell.angle_alpha   90.00
_cell.angle_beta   90.00
_cell.angle_gamma   120.00
#
_symmetry.space_group_name_H-M   'P 32 2 1'
#
loop_
_entity.id
_entity.type
_entity.pdbx_description
1 polymer Actin
2 non-polymer 'SULFATE ION'
3 non-polymer 'CALCIUM ION'
4 non-polymer "ADENOSINE-5'-TRIPHOSPHATE"
5 water water
#
_entity_poly.entity_id   1
_entity_poly.type   'polypeptide(L)'
_entity_poly.pdbx_seq_one_letter_code
;DEDETTALVCDNGSGLVKAGFAGDDAPRAVFPSIVGRPRHQGVMVGMGQKDSYVGDEAQSKRGILTLKYPIE(HIC)GII
TNWDDMEKIWHHTFYNELRVAPEEHPTLLTEAPLNPKANREKMTQIMFETFNVPAMYVAIQAVLSLYASGRTTGIVLDSG
DGVTHNVPIYEGYALPHAIMRLDLAGRDLTDYLMKILTERGYSFVTTAEREIVRDIKEKLCYVALDFENEMATAASSSSL
EKSYELPDGQVITIGNERFRCPETLFQPSFIGMESAGIHETTYNSIMKCDIDIRKDLYANNVMSGGTTMYPGIADRMQKE
ITALAPSTMKIKIIAPPERKYSVWIGGSILASLSTFQQMWITKQEYDEAGPSIVHRKCF
;
_entity_poly.pdbx_strand_id   A
#
loop_
_chem_comp.id
_chem_comp.type
_chem_comp.name
_chem_comp.formula
ATP non-polymer ADENOSINE-5'-TRIPHOSPHATE 'C10 H16 N5 O13 P3'
CA non-polymer 'CALCIUM ION' 'Ca 2'
SO4 non-polymer 'SULFATE ION' 'O4 S -2'
#
# COMPACT_ATOMS: atom_id res chain seq x y z
N THR A 5 10.30 -24.16 -13.16
CA THR A 5 10.80 -23.06 -12.28
C THR A 5 9.69 -22.10 -11.85
N THR A 6 9.55 -21.90 -10.54
CA THR A 6 8.53 -21.03 -9.99
C THR A 6 8.94 -19.58 -10.20
N ALA A 7 7.97 -18.69 -10.30
CA ALA A 7 8.26 -17.25 -10.30
C ALA A 7 8.12 -16.64 -8.89
N LEU A 8 8.90 -15.60 -8.61
CA LEU A 8 8.76 -14.86 -7.37
C LEU A 8 8.04 -13.52 -7.57
N VAL A 9 7.01 -13.26 -6.76
CA VAL A 9 6.34 -11.96 -6.76
C VAL A 9 6.80 -11.19 -5.55
N CYS A 10 7.29 -10.00 -5.79
CA CYS A 10 7.95 -9.22 -4.77
C CYS A 10 7.45 -7.77 -4.80
N ASP A 11 6.54 -7.46 -3.88
CA ASP A 11 5.86 -6.16 -3.81
C ASP A 11 6.51 -5.25 -2.78
N ASN A 12 7.17 -4.18 -3.23
CA ASN A 12 7.91 -3.30 -2.32
C ASN A 12 7.06 -2.12 -1.83
N GLY A 13 6.93 -1.96 -0.53
CA GLY A 13 6.13 -0.88 0.03
C GLY A 13 6.95 0.03 0.91
N SER A 14 6.42 1.22 1.14
CA SER A 14 7.14 2.23 1.93
C SER A 14 7.46 1.64 3.29
N GLY A 15 6.48 0.89 3.83
CA GLY A 15 6.53 0.33 5.17
C GLY A 15 6.74 -1.17 5.22
N LEU A 16 6.12 -1.91 4.29
CA LEU A 16 6.25 -3.34 4.30
C LEU A 16 6.70 -3.92 2.97
N VAL A 17 7.52 -4.96 3.06
CA VAL A 17 7.86 -5.81 1.93
C VAL A 17 6.93 -7.01 1.92
N LYS A 18 6.31 -7.24 0.78
CA LYS A 18 5.44 -8.39 0.56
C LYS A 18 6.08 -9.20 -0.57
N ALA A 19 6.40 -10.46 -0.26
CA ALA A 19 7.17 -11.30 -1.15
C ALA A 19 6.72 -12.75 -1.07
N GLY A 20 6.80 -13.44 -2.20
CA GLY A 20 6.45 -14.84 -2.16
C GLY A 20 6.51 -15.45 -3.51
N PHE A 21 5.71 -16.49 -3.69
CA PHE A 21 5.78 -17.31 -4.88
C PHE A 21 4.54 -17.12 -5.72
N ALA A 22 4.75 -16.84 -7.01
CA ALA A 22 3.65 -16.81 -7.94
C ALA A 22 2.90 -18.14 -7.86
N GLY A 23 1.57 -18.07 -7.74
CA GLY A 23 0.75 -19.25 -7.58
C GLY A 23 0.20 -19.41 -6.17
N ASP A 24 0.90 -18.83 -5.19
CA ASP A 24 0.41 -18.78 -3.82
C ASP A 24 -0.76 -17.80 -3.70
N ASP A 25 -1.55 -17.96 -2.64
CA ASP A 25 -2.74 -17.11 -2.48
C ASP A 25 -2.41 -15.91 -1.63
N ALA A 26 -1.14 -15.81 -1.23
CA ALA A 26 -0.67 -14.79 -0.31
C ALA A 26 0.84 -14.83 -0.22
N PRO A 27 1.47 -13.70 0.16
CA PRO A 27 2.93 -13.57 0.35
C PRO A 27 3.46 -14.47 1.45
N ARG A 28 4.59 -15.14 1.21
CA ARG A 28 5.23 -15.88 2.30
C ARG A 28 6.00 -14.97 3.26
N ALA A 29 6.48 -13.83 2.75
CA ALA A 29 7.20 -12.91 3.61
C ALA A 29 6.50 -11.58 3.64
N VAL A 30 6.32 -11.07 4.85
CA VAL A 30 5.83 -9.72 5.08
C VAL A 30 6.71 -9.13 6.20
N PHE A 31 7.42 -8.06 5.93
CA PHE A 31 8.34 -7.56 6.93
C PHE A 31 8.71 -6.09 6.71
N PRO A 32 9.04 -5.35 7.79
CA PRO A 32 9.39 -3.92 7.64
C PRO A 32 10.42 -3.63 6.57
N SER A 33 10.10 -2.66 5.73
CA SER A 33 11.00 -2.17 4.74
C SER A 33 12.07 -1.27 5.37
N ILE A 34 12.86 -1.88 6.26
CA ILE A 34 13.81 -1.16 7.08
C ILE A 34 15.19 -1.78 6.97
N VAL A 35 16.17 -0.92 6.83
CA VAL A 35 17.56 -1.27 6.93
C VAL A 35 18.13 -0.48 8.10
N GLY A 36 18.93 -1.14 8.94
CA GLY A 36 19.64 -0.49 10.03
C GLY A 36 21.12 -0.75 9.90
N ARG A 37 21.92 0.30 10.09
CA ARG A 37 23.36 0.18 10.05
C ARG A 37 23.83 0.64 11.42
N PRO A 38 25.02 0.17 11.89
CA PRO A 38 25.55 0.63 13.20
C PRO A 38 25.79 2.14 13.22
N ARG A 39 25.98 2.72 14.41
CA ARG A 39 25.99 4.19 14.53
C ARG A 39 27.29 4.90 14.11
N ASP A 51 27.41 -6.39 8.03
CA ASP A 51 27.38 -5.41 9.11
C ASP A 51 26.13 -4.51 9.10
N SER A 52 24.99 -5.05 8.68
CA SER A 52 23.72 -4.29 8.70
C SER A 52 22.49 -5.21 8.83
N TYR A 53 21.34 -4.64 9.17
CA TYR A 53 20.20 -5.48 9.56
C TYR A 53 18.90 -5.08 8.87
N VAL A 54 18.06 -6.06 8.61
CA VAL A 54 16.82 -5.82 7.87
C VAL A 54 15.56 -6.11 8.70
N GLY A 55 14.46 -5.47 8.33
CA GLY A 55 13.13 -5.80 8.85
C GLY A 55 13.05 -5.80 10.36
N ASP A 56 12.44 -6.82 10.91
CA ASP A 56 12.22 -6.91 12.35
C ASP A 56 13.46 -6.91 13.23
N GLU A 57 14.53 -7.52 12.75
CA GLU A 57 15.82 -7.47 13.44
C GLU A 57 16.31 -6.05 13.59
N ALA A 58 16.18 -5.27 12.53
CA ALA A 58 16.60 -3.88 12.52
C ALA A 58 15.83 -3.12 13.60
N GLN A 59 14.56 -3.45 13.76
CA GLN A 59 13.72 -2.72 14.69
C GLN A 59 14.09 -2.98 16.14
N SER A 60 14.41 -4.23 16.47
CA SER A 60 14.69 -4.60 17.86
C SER A 60 16.04 -4.09 18.27
N LYS A 61 16.91 -3.91 17.27
CA LYS A 61 18.25 -3.46 17.49
C LYS A 61 18.40 -1.99 17.13
N ARG A 62 17.30 -1.25 17.17
CA ARG A 62 17.31 0.17 16.85
C ARG A 62 18.08 1.03 17.87
N GLY A 63 18.36 0.48 19.05
CA GLY A 63 19.11 1.23 20.04
C GLY A 63 20.56 1.43 19.63
N ILE A 64 21.09 0.48 18.87
CA ILE A 64 22.48 0.55 18.43
C ILE A 64 22.65 0.76 16.92
N LEU A 65 21.58 1.16 16.22
CA LEU A 65 21.61 1.36 14.76
C LEU A 65 20.92 2.64 14.28
N THR A 66 21.30 3.11 13.10
CA THR A 66 20.54 4.13 12.38
C THR A 66 19.55 3.41 11.47
N LEU A 67 18.28 3.52 11.82
CA LEU A 67 17.22 2.94 11.01
C LEU A 67 16.86 3.85 9.83
N LYS A 68 16.77 3.25 8.64
CA LYS A 68 16.45 3.98 7.42
C LYS A 68 15.32 3.30 6.63
N TYR A 69 14.60 4.08 5.82
CA TYR A 69 13.60 3.55 4.90
C TYR A 69 14.06 3.75 3.48
N PRO A 70 14.42 2.67 2.78
CA PRO A 70 14.79 2.84 1.36
C PRO A 70 13.65 3.29 0.41
N ILE A 71 12.38 2.97 0.72
CA ILE A 71 11.26 3.42 -0.11
C ILE A 71 10.51 4.60 0.51
N GLU A 72 10.55 5.75 -0.13
CA GLU A 72 9.78 6.90 0.35
C GLU A 72 8.59 7.18 -0.58
N HIC A 73 7.40 7.20 0.02
CA HIC A 73 6.16 7.45 -0.73
C HIC A 73 6.06 6.52 -1.91
O HIC A 73 5.63 6.90 -3.01
CB HIC A 73 6.04 8.92 -1.12
CG HIC A 73 6.10 9.89 0.07
ND1 HIC A 73 7.10 10.81 0.29
CD2 HIC A 73 5.16 10.04 1.08
CE1 HIC A 73 6.78 11.47 1.42
NE2 HIC A 73 5.61 11.01 1.90
CZ HIC A 73 4.95 11.52 3.15
N GLY A 74 6.48 5.27 -1.71
CA GLY A 74 6.40 4.24 -2.74
C GLY A 74 7.56 4.20 -3.74
N ILE A 75 8.31 5.31 -3.81
CA ILE A 75 9.48 5.43 -4.70
C ILE A 75 10.76 4.99 -3.95
N ILE A 76 11.56 4.13 -4.59
CA ILE A 76 12.85 3.74 -4.01
C ILE A 76 13.80 4.93 -4.12
N THR A 77 14.42 5.30 -2.99
CA THR A 77 15.34 6.44 -2.94
C THR A 77 16.75 6.12 -2.45
N ASN A 78 16.92 4.98 -1.77
CA ASN A 78 18.26 4.55 -1.35
C ASN A 78 18.61 3.20 -1.94
N TRP A 79 19.48 3.20 -2.93
CA TRP A 79 19.73 1.98 -3.70
C TRP A 79 20.50 0.92 -2.94
N ASP A 80 21.53 1.32 -2.21
CA ASP A 80 22.27 0.38 -1.37
C ASP A 80 21.40 -0.38 -0.36
N ASP A 81 20.42 0.31 0.22
CA ASP A 81 19.57 -0.32 1.20
C ASP A 81 18.51 -1.14 0.54
N MET A 82 18.20 -0.77 -0.70
CA MET A 82 17.19 -1.51 -1.42
C MET A 82 17.80 -2.83 -1.84
N GLU A 83 19.06 -2.78 -2.29
CA GLU A 83 19.82 -3.97 -2.63
C GLU A 83 19.87 -4.90 -1.45
N LYS A 84 20.19 -4.33 -0.29
CA LYS A 84 20.19 -5.10 0.95
C LYS A 84 18.83 -5.73 1.24
N ILE A 85 17.74 -4.98 1.04
CA ILE A 85 16.42 -5.51 1.28
C ILE A 85 16.16 -6.73 0.40
N TRP A 86 16.46 -6.57 -0.89
CA TRP A 86 16.23 -7.64 -1.83
C TRP A 86 17.07 -8.84 -1.56
N HIS A 87 18.33 -8.63 -1.21
CA HIS A 87 19.17 -9.74 -0.84
C HIS A 87 18.52 -10.55 0.28
N HIS A 88 18.26 -9.86 1.39
CA HIS A 88 17.63 -10.46 2.56
C HIS A 88 16.34 -11.20 2.19
N THR A 89 15.52 -10.61 1.33
CA THR A 89 14.30 -11.22 0.81
C THR A 89 14.55 -12.56 0.11
N PHE A 90 15.45 -12.56 -0.87
CA PHE A 90 15.76 -13.79 -1.61
C PHE A 90 16.28 -14.85 -0.70
N TYR A 91 17.31 -14.49 0.04
CA TYR A 91 18.17 -15.45 0.73
C TYR A 91 17.74 -15.82 2.15
N ASN A 92 17.26 -14.86 2.92
CA ASN A 92 16.88 -15.15 4.30
C ASN A 92 15.39 -15.32 4.51
N GLU A 93 14.57 -14.69 3.70
CA GLU A 93 13.13 -14.74 3.88
C GLU A 93 12.53 -15.87 3.09
N LEU A 94 12.79 -15.88 1.79
CA LEU A 94 12.21 -16.88 0.90
C LEU A 94 13.12 -18.08 0.74
N ARG A 95 14.40 -17.90 1.05
CA ARG A 95 15.41 -18.97 0.96
C ARG A 95 15.41 -19.62 -0.41
N VAL A 96 15.62 -18.81 -1.45
CA VAL A 96 15.72 -19.28 -2.80
C VAL A 96 17.03 -18.83 -3.37
N ALA A 97 17.39 -19.39 -4.52
CA ALA A 97 18.48 -18.87 -5.34
C ALA A 97 17.84 -17.98 -6.40
N PRO A 98 18.17 -16.68 -6.37
CA PRO A 98 17.54 -15.75 -7.27
C PRO A 98 17.86 -16.04 -8.73
N GLU A 99 18.88 -16.86 -9.01
CA GLU A 99 19.24 -17.09 -10.41
C GLU A 99 18.39 -18.19 -11.08
N GLU A 100 17.41 -18.68 -10.33
CA GLU A 100 16.59 -19.78 -10.81
C GLU A 100 15.13 -19.42 -10.86
N HIS A 101 14.84 -18.13 -10.73
CA HIS A 101 13.47 -17.67 -10.56
C HIS A 101 13.16 -16.37 -11.30
N PRO A 102 12.24 -16.42 -12.27
CA PRO A 102 11.76 -15.15 -12.86
C PRO A 102 11.17 -14.30 -11.75
N THR A 103 11.43 -13.00 -11.76
CA THR A 103 10.99 -12.17 -10.67
C THR A 103 10.15 -11.01 -11.09
N LEU A 104 8.89 -11.00 -10.67
CA LEU A 104 8.03 -9.83 -10.83
C LEU A 104 8.24 -8.87 -9.65
N LEU A 105 8.73 -7.67 -9.97
CA LEU A 105 8.78 -6.55 -9.03
C LEU A 105 7.60 -5.62 -9.31
N THR A 106 7.19 -4.85 -8.30
CA THR A 106 6.12 -3.89 -8.48
C THR A 106 6.66 -2.46 -8.35
N GLU A 107 5.92 -1.46 -8.84
CA GLU A 107 6.38 -0.06 -8.76
C GLU A 107 5.23 0.90 -8.43
N ALA A 108 5.56 2.07 -7.88
CA ALA A 108 4.57 3.11 -7.57
C ALA A 108 4.02 3.68 -8.86
N PRO A 109 2.87 4.36 -8.81
CA PRO A 109 2.42 5.12 -9.97
C PRO A 109 3.36 6.30 -10.22
N LEU A 110 3.61 6.60 -11.48
CA LEU A 110 4.45 7.75 -11.85
C LEU A 110 5.89 7.57 -11.39
N ASN A 111 6.33 6.32 -11.19
CA ASN A 111 7.74 6.00 -10.99
C ASN A 111 8.57 6.44 -12.20
N PRO A 112 9.65 7.21 -12.02
CA PRO A 112 10.40 7.71 -13.19
C PRO A 112 11.13 6.63 -14.05
N LYS A 113 11.21 6.84 -15.35
CA LYS A 113 11.95 5.89 -16.19
C LYS A 113 13.33 5.52 -15.64
N ALA A 114 14.13 6.49 -15.21
CA ALA A 114 15.43 6.23 -14.58
C ALA A 114 15.38 5.26 -13.38
N ASN A 115 14.40 5.47 -12.50
CA ASN A 115 14.18 4.60 -11.36
C ASN A 115 13.97 3.16 -11.81
N ARG A 116 12.87 2.94 -12.52
CA ARG A 116 12.50 1.66 -13.12
C ARG A 116 13.62 0.95 -13.88
N GLU A 117 14.44 1.71 -14.63
CA GLU A 117 15.58 1.09 -15.29
C GLU A 117 16.59 0.60 -14.28
N LYS A 118 16.85 1.42 -13.25
CA LYS A 118 17.76 1.06 -12.19
C LYS A 118 17.32 -0.24 -11.49
N MET A 119 16.02 -0.45 -11.35
CA MET A 119 15.53 -1.70 -10.75
C MET A 119 15.89 -2.89 -11.63
N THR A 120 15.84 -2.67 -12.94
CA THR A 120 16.11 -3.74 -13.90
C THR A 120 17.57 -4.11 -13.81
N GLN A 121 18.42 -3.12 -13.97
CA GLN A 121 19.85 -3.36 -13.86
C GLN A 121 20.22 -4.15 -12.61
N ILE A 122 19.75 -3.68 -11.45
CA ILE A 122 20.10 -4.33 -10.19
C ILE A 122 19.71 -5.80 -10.16
N MET A 123 18.53 -6.10 -10.67
CA MET A 123 18.05 -7.48 -10.68
C MET A 123 18.98 -8.34 -11.49
N PHE A 124 19.41 -7.80 -12.62
CA PHE A 124 20.17 -8.61 -13.57
C PHE A 124 21.65 -8.67 -13.22
N GLU A 125 22.22 -7.52 -12.88
CA GLU A 125 23.62 -7.47 -12.58
C GLU A 125 23.94 -7.88 -11.15
N THR A 126 23.05 -7.54 -10.22
CA THR A 126 23.31 -7.83 -8.83
C THR A 126 22.80 -9.20 -8.44
N PHE A 127 21.63 -9.57 -8.94
CA PHE A 127 21.00 -10.81 -8.45
C PHE A 127 21.00 -11.95 -9.42
N ASN A 128 21.36 -11.63 -10.67
CA ASN A 128 21.50 -12.61 -11.73
C ASN A 128 20.22 -13.40 -12.02
N VAL A 129 19.07 -12.74 -11.92
CA VAL A 129 17.82 -13.42 -12.19
C VAL A 129 17.76 -13.80 -13.68
N PRO A 130 17.01 -14.86 -14.03
CA PRO A 130 16.99 -15.20 -15.45
C PRO A 130 16.01 -14.30 -16.21
N ALA A 131 15.05 -13.72 -15.48
CA ALA A 131 13.97 -12.94 -16.03
C ALA A 131 13.34 -12.09 -14.95
N MET A 132 12.81 -10.93 -15.35
CA MET A 132 12.00 -10.08 -14.48
C MET A 132 10.94 -9.29 -15.23
N TYR A 133 10.09 -8.60 -14.48
CA TYR A 133 9.08 -7.73 -15.03
C TYR A 133 8.88 -6.66 -14.00
N VAL A 134 8.36 -5.50 -14.39
CA VAL A 134 7.97 -4.48 -13.43
C VAL A 134 6.54 -4.06 -13.75
N ALA A 135 5.65 -4.26 -12.79
CA ALA A 135 4.25 -3.95 -12.95
C ALA A 135 3.82 -2.83 -11.99
N ILE A 136 2.99 -1.91 -12.48
CA ILE A 136 2.42 -0.84 -11.65
C ILE A 136 1.43 -1.42 -10.64
N GLN A 137 1.64 -1.09 -9.37
CA GLN A 137 0.95 -1.77 -8.26
C GLN A 137 -0.54 -1.62 -8.33
N ALA A 138 -1.00 -0.43 -8.69
CA ALA A 138 -2.44 -0.22 -8.80
C ALA A 138 -3.07 -1.12 -9.89
N VAL A 139 -2.35 -1.31 -11.01
CA VAL A 139 -2.80 -2.20 -12.04
C VAL A 139 -3.01 -3.62 -11.51
N LEU A 140 -2.05 -4.13 -10.73
CA LEU A 140 -2.14 -5.46 -10.16
C LEU A 140 -3.34 -5.61 -9.26
N SER A 141 -3.61 -4.59 -8.45
CA SER A 141 -4.76 -4.58 -7.54
C SER A 141 -6.03 -4.67 -8.35
N LEU A 142 -6.12 -3.83 -9.38
CA LEU A 142 -7.30 -3.79 -10.22
C LEU A 142 -7.45 -5.09 -10.97
N TYR A 143 -6.32 -5.72 -11.29
CA TYR A 143 -6.35 -6.99 -12.01
C TYR A 143 -6.79 -8.13 -11.10
N ALA A 144 -6.34 -8.08 -9.84
CA ALA A 144 -6.78 -9.01 -8.81
C ALA A 144 -8.30 -9.02 -8.63
N SER A 145 -8.95 -7.90 -8.95
CA SER A 145 -10.40 -7.78 -8.77
C SER A 145 -11.18 -8.13 -10.05
N GLY A 146 -10.48 -8.77 -11.00
CA GLY A 146 -11.09 -9.22 -12.25
C GLY A 146 -11.42 -8.08 -13.19
N ARG A 147 -10.77 -6.93 -13.01
CA ARG A 147 -11.02 -5.78 -13.86
C ARG A 147 -9.79 -5.35 -14.66
N THR A 148 -10.05 -4.70 -15.79
CA THR A 148 -9.01 -4.00 -16.55
C THR A 148 -9.33 -2.50 -16.69
N THR A 149 -10.51 -2.10 -16.24
CA THR A 149 -10.92 -0.69 -16.17
C THR A 149 -11.50 -0.35 -14.78
N GLY A 150 -11.19 0.85 -14.31
CA GLY A 150 -11.63 1.31 -13.01
C GLY A 150 -10.63 2.29 -12.40
N ILE A 151 -10.99 2.82 -11.24
CA ILE A 151 -10.09 3.71 -10.50
C ILE A 151 -9.74 3.07 -9.17
N VAL A 152 -8.44 3.03 -8.90
CA VAL A 152 -7.91 2.38 -7.72
C VAL A 152 -7.59 3.39 -6.63
N LEU A 153 -8.09 3.16 -5.42
CA LEU A 153 -7.59 3.89 -4.25
C LEU A 153 -6.64 2.98 -3.51
N ASP A 154 -5.35 3.33 -3.57
CA ASP A 154 -4.30 2.51 -2.96
C ASP A 154 -3.76 3.25 -1.76
N SER A 155 -4.17 2.82 -0.57
CA SER A 155 -3.68 3.42 0.66
C SER A 155 -2.80 2.46 1.46
N GLY A 156 -1.53 2.80 1.59
CA GLY A 156 -0.60 1.87 2.22
C GLY A 156 -0.10 2.38 3.54
N ASP A 157 1.21 2.35 3.71
CA ASP A 157 1.76 2.79 4.97
C ASP A 157 2.22 4.24 4.94
N GLY A 158 2.66 4.69 3.76
CA GLY A 158 3.35 5.95 3.63
C GLY A 158 2.75 6.90 2.61
N VAL A 159 1.95 6.37 1.68
CA VAL A 159 1.34 7.21 0.65
C VAL A 159 -0.01 6.66 0.20
N THR A 160 -0.86 7.56 -0.27
CA THR A 160 -2.15 7.20 -0.84
C THR A 160 -2.19 7.71 -2.26
N HIS A 161 -2.59 6.84 -3.18
CA HIS A 161 -2.78 7.20 -4.58
C HIS A 161 -4.17 6.89 -5.08
N ASN A 162 -4.70 7.77 -5.93
CA ASN A 162 -5.82 7.44 -6.77
C ASN A 162 -5.28 7.17 -8.15
N VAL A 163 -5.47 5.95 -8.66
CA VAL A 163 -4.96 5.60 -9.99
C VAL A 163 -6.08 5.14 -10.90
N PRO A 164 -6.46 6.01 -11.84
CA PRO A 164 -7.46 5.59 -12.82
C PRO A 164 -6.81 4.80 -13.96
N ILE A 165 -7.38 3.62 -14.22
CA ILE A 165 -6.87 2.73 -15.24
C ILE A 165 -7.96 2.43 -16.25
N TYR A 166 -7.60 2.56 -17.53
CA TYR A 166 -8.50 2.27 -18.63
C TYR A 166 -7.83 1.27 -19.56
N GLU A 167 -8.61 0.23 -19.89
CA GLU A 167 -8.13 -0.98 -20.56
C GLU A 167 -6.74 -1.45 -20.13
N GLY A 168 -6.50 -1.47 -18.83
CA GLY A 168 -5.24 -1.95 -18.30
C GLY A 168 -4.07 -0.97 -18.40
N TYR A 169 -4.34 0.25 -18.85
CA TYR A 169 -3.30 1.30 -18.88
C TYR A 169 -3.64 2.48 -17.98
N ALA A 170 -2.73 2.73 -17.05
CA ALA A 170 -2.87 3.79 -16.10
C ALA A 170 -2.76 5.15 -16.81
N LEU A 171 -3.68 6.07 -16.47
CA LEU A 171 -3.76 7.42 -17.05
C LEU A 171 -2.89 8.40 -16.27
N PRO A 172 -1.66 8.65 -16.72
CA PRO A 172 -0.68 9.35 -15.88
C PRO A 172 -1.07 10.77 -15.46
N HIS A 173 -1.75 11.50 -16.34
CA HIS A 173 -2.21 12.88 -16.07
C HIS A 173 -3.30 12.98 -15.00
N ALA A 174 -3.93 11.87 -14.67
CA ALA A 174 -5.04 11.89 -13.72
C ALA A 174 -4.74 11.22 -12.35
N ILE A 175 -3.52 10.70 -12.21
CA ILE A 175 -3.06 10.12 -10.96
C ILE A 175 -2.95 11.21 -9.88
N MET A 176 -3.45 10.93 -8.67
CA MET A 176 -3.39 11.84 -7.52
C MET A 176 -2.66 11.17 -6.35
N ARG A 177 -1.86 11.96 -5.64
CA ARG A 177 -1.05 11.48 -4.53
C ARG A 177 -1.45 12.26 -3.28
N LEU A 178 -1.58 11.57 -2.15
CA LEU A 178 -1.91 12.21 -0.89
C LEU A 178 -0.91 11.67 0.09
N ASP A 179 -0.07 12.52 0.66
CA ASP A 179 1.04 12.08 1.52
C ASP A 179 0.61 11.82 2.96
N LEU A 180 -0.19 10.79 3.14
CA LEU A 180 -0.84 10.48 4.40
C LEU A 180 -1.38 9.06 4.25
N ALA A 181 -0.96 8.18 5.14
CA ALA A 181 -1.46 6.80 5.14
C ALA A 181 -1.18 6.15 6.49
N GLY A 182 -1.28 4.81 6.52
CA GLY A 182 -1.09 4.00 7.72
C GLY A 182 -0.23 4.52 8.85
N ARG A 183 1.03 4.91 8.57
CA ARG A 183 1.94 5.28 9.64
C ARG A 183 1.51 6.56 10.33
N ASP A 184 0.94 7.46 9.54
CA ASP A 184 0.32 8.68 10.06
C ASP A 184 -0.88 8.44 10.96
N LEU A 185 -1.78 7.56 10.53
CA LEU A 185 -2.94 7.19 11.34
C LEU A 185 -2.54 6.55 12.67
N THR A 186 -1.45 5.79 12.63
CA THR A 186 -0.86 5.21 13.83
C THR A 186 -0.42 6.33 14.77
N ASP A 187 0.43 7.24 14.28
CA ASP A 187 0.92 8.40 15.07
C ASP A 187 -0.16 9.28 15.67
N TYR A 188 -1.20 9.50 14.87
CA TYR A 188 -2.35 10.28 15.29
C TYR A 188 -3.11 9.58 16.40
N LEU A 189 -3.28 8.25 16.27
CA LEU A 189 -3.96 7.44 17.28
C LEU A 189 -3.20 7.45 18.60
N MET A 190 -1.87 7.37 18.54
CA MET A 190 -1.01 7.57 19.70
C MET A 190 -1.35 8.88 20.36
N LYS A 191 -1.31 9.94 19.54
CA LYS A 191 -1.55 11.30 19.98
C LYS A 191 -2.91 11.46 20.68
N ILE A 192 -4.01 11.02 20.05
CA ILE A 192 -5.35 11.23 20.63
C ILE A 192 -5.69 10.32 21.82
N LEU A 193 -5.17 9.09 21.84
CA LEU A 193 -5.22 8.24 23.04
C LEU A 193 -4.51 8.87 24.23
N THR A 194 -3.42 9.60 23.95
CA THR A 194 -2.69 10.35 24.96
C THR A 194 -3.48 11.56 25.49
N GLU A 195 -4.28 12.19 24.62
CA GLU A 195 -5.24 13.21 25.02
C GLU A 195 -6.30 12.65 25.96
N ARG A 196 -6.83 11.47 25.63
CA ARG A 196 -7.77 10.74 26.48
C ARG A 196 -7.26 10.62 27.92
N GLY A 197 -5.99 10.30 28.10
CA GLY A 197 -5.44 10.23 29.45
C GLY A 197 -4.38 9.17 29.61
N TYR A 198 -4.23 8.32 28.58
CA TYR A 198 -3.14 7.34 28.53
C TYR A 198 -1.84 7.98 28.12
N SER A 199 -0.77 7.19 28.06
CA SER A 199 0.47 7.65 27.47
C SER A 199 0.96 6.63 26.45
N PHE A 200 1.08 7.07 25.20
CA PHE A 200 1.69 6.29 24.12
C PHE A 200 2.66 7.18 23.37
N VAL A 201 3.93 7.05 23.73
CA VAL A 201 5.00 7.91 23.22
C VAL A 201 6.15 7.07 22.69
N THR A 202 6.44 5.97 23.39
CA THR A 202 7.57 5.11 23.09
C THR A 202 7.30 4.20 21.89
N THR A 203 8.36 3.77 21.19
CA THR A 203 8.24 2.82 20.07
C THR A 203 7.46 1.56 20.44
N ALA A 204 7.83 0.92 21.56
CA ALA A 204 7.07 -0.20 22.11
C ALA A 204 5.57 0.10 22.13
N GLU A 205 5.23 1.31 22.58
CA GLU A 205 3.86 1.81 22.66
C GLU A 205 3.25 2.09 21.29
N ARG A 206 4.09 2.51 20.34
CA ARG A 206 3.67 2.69 18.95
C ARG A 206 3.16 1.36 18.38
N GLU A 207 3.85 0.26 18.68
CA GLU A 207 3.44 -1.03 18.16
C GLU A 207 2.10 -1.49 18.70
N ILE A 208 1.78 -1.13 19.94
CA ILE A 208 0.47 -1.46 20.50
C ILE A 208 -0.64 -0.64 19.82
N VAL A 209 -0.42 0.66 19.75
CA VAL A 209 -1.36 1.56 19.08
C VAL A 209 -1.64 1.06 17.65
N ARG A 210 -0.60 0.54 17.01
CA ARG A 210 -0.71 0.01 15.65
C ARG A 210 -1.71 -1.13 15.69
N ASP A 211 -1.59 -1.97 16.71
CA ASP A 211 -2.48 -3.11 16.84
C ASP A 211 -3.89 -2.73 17.24
N ILE A 212 -4.03 -1.72 18.09
CA ILE A 212 -5.37 -1.24 18.42
C ILE A 212 -6.06 -0.72 17.15
N LYS A 213 -5.30 0.06 16.38
CA LYS A 213 -5.76 0.65 15.13
C LYS A 213 -6.34 -0.36 14.15
N GLU A 214 -5.59 -1.43 13.89
CA GLU A 214 -6.00 -2.43 12.91
C GLU A 214 -7.15 -3.27 13.43
N LYS A 215 -7.34 -3.25 14.75
CA LYS A 215 -8.33 -4.12 15.39
C LYS A 215 -9.66 -3.43 15.71
N LEU A 216 -9.59 -2.16 16.06
CA LEU A 216 -10.75 -1.52 16.69
C LEU A 216 -11.24 -0.30 15.94
N CYS A 217 -10.40 0.26 15.08
CA CYS A 217 -10.78 1.44 14.33
C CYS A 217 -11.77 1.13 13.23
N TYR A 218 -12.42 2.18 12.73
CA TYR A 218 -13.42 2.06 11.69
C TYR A 218 -13.87 3.45 11.27
N VAL A 219 -14.33 3.58 10.03
CA VAL A 219 -14.76 4.85 9.49
C VAL A 219 -16.27 5.02 9.73
N ALA A 220 -16.63 6.13 10.36
CA ALA A 220 -18.03 6.45 10.59
C ALA A 220 -18.72 6.91 9.31
N LEU A 221 -19.98 6.50 9.13
CA LEU A 221 -20.79 6.90 7.97
C LEU A 221 -21.04 8.41 7.92
N ASP A 222 -21.49 8.96 9.05
CA ASP A 222 -21.51 10.40 9.27
C ASP A 222 -20.63 10.70 10.50
N PHE A 223 -19.58 11.50 10.29
CA PHE A 223 -18.61 11.75 11.36
C PHE A 223 -19.24 12.45 12.56
N GLU A 224 -19.85 13.60 12.31
CA GLU A 224 -20.48 14.40 13.37
C GLU A 224 -21.49 13.56 14.17
N ASN A 225 -22.34 12.82 13.45
CA ASN A 225 -23.32 11.94 14.09
C ASN A 225 -22.70 10.90 14.99
N GLU A 226 -21.52 10.43 14.61
CA GLU A 226 -20.82 9.44 15.41
C GLU A 226 -20.28 10.06 16.70
N MET A 227 -19.69 11.24 16.62
CA MET A 227 -19.26 11.96 17.82
C MET A 227 -20.44 12.13 18.76
N ALA A 228 -21.57 12.57 18.19
CA ALA A 228 -22.83 12.70 18.92
C ALA A 228 -23.23 11.41 19.65
N THR A 229 -23.10 10.26 18.99
CA THR A 229 -23.41 8.99 19.67
C THR A 229 -22.39 8.68 20.75
N ALA A 230 -21.11 8.93 20.44
CA ALA A 230 -20.01 8.61 21.35
C ALA A 230 -19.97 9.51 22.57
N ALA A 231 -20.42 10.75 22.43
CA ALA A 231 -20.52 11.67 23.55
C ALA A 231 -21.81 11.47 24.37
N SER A 232 -22.51 10.38 24.08
CA SER A 232 -23.79 10.13 24.73
C SER A 232 -23.81 8.83 25.48
N SER A 233 -23.18 7.80 24.95
CA SER A 233 -23.25 6.47 25.55
C SER A 233 -21.94 5.70 25.46
N SER A 234 -21.98 4.45 25.93
CA SER A 234 -20.87 3.50 25.91
C SER A 234 -20.98 2.57 24.70
N SER A 235 -22.11 2.65 24.00
CA SER A 235 -22.47 1.72 22.91
C SER A 235 -21.41 1.61 21.81
N LEU A 236 -20.51 2.58 21.76
CA LEU A 236 -19.41 2.60 20.80
C LEU A 236 -18.06 2.38 21.43
N GLU A 237 -18.01 2.18 22.74
CA GLU A 237 -16.75 1.92 23.41
C GLU A 237 -16.34 0.45 23.31
N LYS A 238 -15.04 0.20 23.31
CA LYS A 238 -14.48 -1.16 23.32
C LYS A 238 -13.33 -1.24 24.30
N SER A 239 -13.20 -2.37 24.98
CA SER A 239 -12.06 -2.63 25.84
C SER A 239 -10.86 -3.07 25.00
N TYR A 240 -9.65 -2.91 25.55
CA TYR A 240 -8.47 -3.50 24.93
C TYR A 240 -7.43 -3.86 25.98
N GLU A 241 -6.91 -5.08 25.89
CA GLU A 241 -5.96 -5.59 26.87
C GLU A 241 -4.52 -5.40 26.42
N LEU A 242 -3.72 -4.77 27.26
CA LEU A 242 -2.31 -4.41 26.98
C LEU A 242 -1.33 -5.55 27.31
N PRO A 243 -0.09 -5.48 26.79
CA PRO A 243 0.96 -6.47 27.05
C PRO A 243 1.52 -6.47 28.49
N ASP A 244 1.06 -5.54 29.33
CA ASP A 244 1.32 -5.59 30.77
C ASP A 244 0.08 -6.11 31.52
N GLY A 245 -0.94 -6.49 30.75
CA GLY A 245 -2.18 -7.04 31.33
C GLY A 245 -3.26 -6.02 31.61
N GLN A 246 -2.93 -4.74 31.46
CA GLN A 246 -3.87 -3.63 31.68
C GLN A 246 -4.96 -3.55 30.61
N VAL A 247 -6.21 -3.42 31.05
CA VAL A 247 -7.36 -3.24 30.14
C VAL A 247 -7.66 -1.73 30.04
N ILE A 248 -7.86 -1.24 28.81
CA ILE A 248 -8.16 0.19 28.56
C ILE A 248 -9.37 0.38 27.64
N THR A 249 -10.16 1.38 27.96
CA THR A 249 -11.36 1.71 27.20
C THR A 249 -11.01 2.66 26.06
N ILE A 250 -11.43 2.30 24.85
CA ILE A 250 -11.26 3.22 23.73
C ILE A 250 -12.61 3.55 23.03
N GLY A 251 -12.85 4.84 22.84
CA GLY A 251 -14.19 5.31 22.49
C GLY A 251 -14.23 5.97 21.14
N ASN A 252 -14.35 7.30 21.12
CA ASN A 252 -14.42 8.02 19.84
C ASN A 252 -13.12 8.03 19.02
N GLU A 253 -12.04 7.61 19.65
CA GLU A 253 -10.76 7.48 18.97
C GLU A 253 -10.76 6.44 17.84
N ARG A 254 -11.77 5.56 17.86
CA ARG A 254 -11.90 4.50 16.87
C ARG A 254 -12.19 5.01 15.46
N PHE A 255 -13.06 6.00 15.34
CA PHE A 255 -13.43 6.52 14.04
C PHE A 255 -12.75 7.86 13.70
N ARG A 256 -12.28 8.53 14.75
CA ARG A 256 -11.54 9.78 14.63
C ARG A 256 -10.18 9.54 14.00
N CYS A 257 -9.48 8.48 14.40
CA CYS A 257 -8.19 8.18 13.76
C CYS A 257 -8.32 7.98 12.22
N PRO A 258 -9.15 7.01 11.75
CA PRO A 258 -9.27 6.86 10.30
C PRO A 258 -10.03 7.99 9.59
N GLU A 259 -10.62 8.92 10.34
CA GLU A 259 -11.33 10.06 9.73
C GLU A 259 -10.31 11.01 9.07
N THR A 260 -9.07 10.89 9.51
CA THR A 260 -7.98 11.69 8.99
C THR A 260 -7.86 11.51 7.48
N LEU A 261 -8.34 10.37 6.99
CA LEU A 261 -8.26 10.06 5.56
C LEU A 261 -9.18 10.98 4.75
N PHE A 262 -10.27 11.39 5.38
CA PHE A 262 -11.23 12.27 4.76
C PHE A 262 -10.90 13.70 5.15
N GLN A 263 -10.35 13.89 6.36
CA GLN A 263 -10.01 15.23 6.87
C GLN A 263 -8.54 15.32 7.25
N PRO A 264 -7.63 15.41 6.24
CA PRO A 264 -6.19 15.48 6.57
C PRO A 264 -5.85 16.71 7.41
N SER A 265 -6.77 17.66 7.51
CA SER A 265 -6.58 18.80 8.39
C SER A 265 -6.51 18.39 9.86
N PHE A 266 -6.98 17.18 10.18
CA PHE A 266 -6.83 16.58 11.52
C PHE A 266 -5.38 16.37 11.94
N ILE A 267 -4.48 16.19 10.97
CA ILE A 267 -3.05 16.16 11.27
C ILE A 267 -2.32 17.33 10.64
N GLY A 268 -3.05 18.42 10.37
CA GLY A 268 -2.43 19.71 9.96
C GLY A 268 -2.00 19.75 8.50
N MET A 269 -2.76 19.10 7.63
CA MET A 269 -2.44 19.02 6.22
C MET A 269 -3.44 19.75 5.35
N GLU A 270 -2.92 20.58 4.45
CA GLU A 270 -3.74 21.40 3.55
C GLU A 270 -4.46 20.56 2.49
N SER A 271 -3.91 19.39 2.21
CA SER A 271 -4.44 18.51 1.17
C SER A 271 -5.89 18.07 1.37
N ALA A 272 -6.54 17.82 0.23
CA ALA A 272 -7.92 17.35 0.15
C ALA A 272 -8.04 15.89 0.57
N GLY A 273 -9.23 15.48 1.01
CA GLY A 273 -9.48 14.10 1.47
C GLY A 273 -9.56 13.05 0.37
N ILE A 274 -9.64 11.77 0.77
CA ILE A 274 -9.63 10.71 -0.21
C ILE A 274 -10.85 10.69 -1.08
N HIS A 275 -11.99 11.17 -0.59
CA HIS A 275 -13.14 11.27 -1.48
C HIS A 275 -12.88 12.30 -2.58
N GLU A 276 -12.36 13.45 -2.16
CA GLU A 276 -12.07 14.57 -3.03
C GLU A 276 -10.99 14.27 -4.04
N THR A 277 -9.92 13.60 -3.60
CA THR A 277 -8.84 13.23 -4.51
C THR A 277 -9.32 12.20 -5.53
N THR A 278 -10.20 11.29 -5.08
CA THR A 278 -10.81 10.32 -5.97
C THR A 278 -11.62 11.03 -7.04
N TYR A 279 -12.55 11.87 -6.59
CA TYR A 279 -13.37 12.71 -7.46
C TYR A 279 -12.52 13.51 -8.44
N ASN A 280 -11.49 14.19 -7.96
CA ASN A 280 -10.65 15.03 -8.82
C ASN A 280 -9.88 14.24 -9.88
N SER A 281 -9.40 13.07 -9.48
CA SER A 281 -8.81 12.11 -10.40
C SER A 281 -9.75 11.81 -11.58
N ILE A 282 -10.95 11.31 -11.28
CA ILE A 282 -11.98 11.02 -12.31
C ILE A 282 -12.30 12.23 -13.20
N MET A 283 -12.36 13.40 -12.58
CA MET A 283 -12.60 14.65 -13.28
C MET A 283 -11.50 14.91 -14.30
N LYS A 284 -10.30 14.40 -14.04
CA LYS A 284 -9.19 14.63 -14.98
C LYS A 284 -9.19 13.67 -16.17
N CYS A 285 -10.27 12.89 -16.27
CA CYS A 285 -10.43 11.91 -17.34
C CYS A 285 -11.56 12.27 -18.32
N ASP A 286 -11.46 11.71 -19.52
CA ASP A 286 -12.51 11.79 -20.50
C ASP A 286 -13.88 11.53 -19.91
N ILE A 287 -14.85 12.36 -20.32
CA ILE A 287 -16.27 12.14 -20.06
C ILE A 287 -16.61 10.70 -20.42
N ASP A 288 -16.08 10.30 -21.59
CA ASP A 288 -16.13 8.93 -22.12
C ASP A 288 -16.08 7.85 -21.04
N ILE A 289 -15.04 7.93 -20.22
CA ILE A 289 -14.58 6.84 -19.38
C ILE A 289 -14.82 7.15 -17.91
N ARG A 290 -15.21 8.40 -17.68
CA ARG A 290 -15.58 8.91 -16.38
C ARG A 290 -16.75 8.11 -15.81
N LYS A 291 -17.71 7.74 -16.65
CA LYS A 291 -18.83 6.89 -16.25
C LYS A 291 -18.35 5.53 -15.74
N ASP A 292 -17.38 4.94 -16.42
CA ASP A 292 -16.83 3.63 -16.04
C ASP A 292 -16.09 3.67 -14.70
N LEU A 293 -15.29 4.72 -14.48
CA LEU A 293 -14.53 4.85 -13.26
C LEU A 293 -15.42 4.90 -12.01
N TYR A 294 -16.58 5.55 -12.14
CA TYR A 294 -17.51 5.75 -11.03
C TYR A 294 -18.09 4.45 -10.48
N ALA A 295 -18.47 3.54 -11.38
CA ALA A 295 -18.97 2.22 -10.98
C ALA A 295 -17.83 1.20 -10.71
N ASN A 296 -16.58 1.68 -10.71
CA ASN A 296 -15.43 0.81 -10.54
C ASN A 296 -14.31 1.40 -9.67
N ASN A 297 -14.69 2.04 -8.55
CA ASN A 297 -13.79 2.35 -7.46
C ASN A 297 -13.34 1.11 -6.72
N VAL A 298 -12.07 0.77 -6.89
CA VAL A 298 -11.48 -0.40 -6.21
C VAL A 298 -10.50 0.02 -5.14
N MET A 299 -10.74 -0.46 -3.93
CA MET A 299 -9.91 -0.09 -2.80
C MET A 299 -8.80 -1.08 -2.50
N SER A 300 -7.62 -0.53 -2.24
CA SER A 300 -6.38 -1.28 -2.27
C SER A 300 -5.43 -0.82 -1.17
N GLY A 301 -4.76 -1.75 -0.50
CA GLY A 301 -3.73 -1.41 0.49
C GLY A 301 -4.20 -1.55 1.93
N GLY A 302 -3.23 -1.71 2.85
CA GLY A 302 -3.52 -2.03 4.26
C GLY A 302 -4.40 -1.02 4.96
N THR A 303 -4.19 0.25 4.63
CA THR A 303 -4.91 1.35 5.23
C THR A 303 -6.34 1.49 4.71
N THR A 304 -6.76 0.69 3.73
CA THR A 304 -8.18 0.74 3.31
C THR A 304 -9.02 -0.37 3.98
N MET A 305 -8.50 -0.94 5.07
CA MET A 305 -9.07 -2.13 5.69
C MET A 305 -10.14 -1.83 6.71
N TYR A 306 -10.36 -0.56 7.00
CA TYR A 306 -11.26 -0.19 8.08
C TYR A 306 -12.68 -0.63 7.79
N PRO A 307 -13.34 -1.25 8.77
CA PRO A 307 -14.79 -1.47 8.56
C PRO A 307 -15.49 -0.12 8.37
N GLY A 308 -16.53 -0.12 7.54
CA GLY A 308 -17.23 1.11 7.20
C GLY A 308 -16.60 1.90 6.06
N ILE A 309 -15.34 1.66 5.75
CA ILE A 309 -14.71 2.48 4.72
C ILE A 309 -15.48 2.48 3.41
N ALA A 310 -16.01 1.31 3.02
CA ALA A 310 -16.69 1.19 1.72
C ALA A 310 -17.88 2.13 1.62
N ASP A 311 -18.77 2.05 2.62
CA ASP A 311 -20.01 2.83 2.63
C ASP A 311 -19.76 4.32 2.72
N ARG A 312 -18.73 4.68 3.46
CA ARG A 312 -18.38 6.07 3.63
C ARG A 312 -17.99 6.69 2.29
N MET A 313 -17.11 6.00 1.56
CA MET A 313 -16.62 6.50 0.29
C MET A 313 -17.78 6.57 -0.66
N GLN A 314 -18.59 5.51 -0.65
CA GLN A 314 -19.86 5.43 -1.34
C GLN A 314 -20.70 6.71 -1.21
N LYS A 315 -20.93 7.12 0.04
CA LYS A 315 -21.71 8.30 0.36
C LYS A 315 -21.05 9.57 -0.15
N GLU A 316 -19.75 9.71 0.11
CA GLU A 316 -19.05 10.95 -0.20
C GLU A 316 -18.98 11.22 -1.70
N ILE A 317 -18.76 10.18 -2.50
CA ILE A 317 -18.78 10.35 -3.95
C ILE A 317 -20.19 10.67 -4.47
N THR A 318 -21.22 10.09 -3.82
CA THR A 318 -22.61 10.35 -4.21
C THR A 318 -22.93 11.84 -4.11
N ALA A 319 -22.70 12.45 -2.94
CA ALA A 319 -22.87 13.91 -2.77
C ALA A 319 -21.89 14.75 -3.64
N LEU A 320 -20.73 14.21 -3.99
CA LEU A 320 -19.80 14.94 -4.86
C LEU A 320 -20.15 14.91 -6.34
N ALA A 321 -20.59 13.75 -6.85
CA ALA A 321 -20.79 13.55 -8.28
C ALA A 321 -22.22 13.91 -8.75
N PRO A 322 -22.40 14.24 -10.06
CA PRO A 322 -23.76 14.45 -10.58
C PRO A 322 -24.77 13.43 -10.03
N SER A 323 -25.96 13.91 -9.67
CA SER A 323 -26.98 13.12 -8.96
C SER A 323 -27.47 11.86 -9.71
N THR A 324 -27.42 11.89 -11.03
CA THR A 324 -27.93 10.79 -11.84
C THR A 324 -26.91 9.67 -11.97
N MET A 325 -25.68 9.94 -11.56
CA MET A 325 -24.54 9.05 -11.77
C MET A 325 -24.56 7.79 -10.88
N LYS A 326 -24.39 6.63 -11.52
CA LYS A 326 -24.31 5.35 -10.84
C LYS A 326 -22.88 5.13 -10.34
N ILE A 327 -22.76 4.82 -9.05
CA ILE A 327 -21.47 4.76 -8.37
C ILE A 327 -21.35 3.47 -7.53
N LYS A 328 -20.16 2.88 -7.55
CA LYS A 328 -19.92 1.60 -6.88
C LYS A 328 -18.50 1.61 -6.33
N ILE A 329 -18.33 1.05 -5.13
CA ILE A 329 -17.04 0.94 -4.46
C ILE A 329 -16.82 -0.52 -4.14
N ILE A 330 -15.67 -1.03 -4.57
CA ILE A 330 -15.31 -2.43 -4.39
C ILE A 330 -14.19 -2.57 -3.34
N ALA A 331 -14.47 -3.30 -2.27
CA ALA A 331 -13.51 -3.50 -1.20
C ALA A 331 -13.33 -5.00 -0.95
N PRO A 332 -12.40 -5.65 -1.67
CA PRO A 332 -12.13 -7.07 -1.50
C PRO A 332 -11.60 -7.35 -0.11
N PRO A 333 -12.04 -8.48 0.50
CA PRO A 333 -11.59 -8.93 1.82
C PRO A 333 -10.06 -9.01 1.99
N GLU A 334 -9.35 -9.24 0.89
CA GLU A 334 -7.92 -9.53 0.96
C GLU A 334 -7.08 -8.34 0.49
N ARG A 335 -7.70 -7.17 0.42
CA ARG A 335 -7.07 -6.02 -0.23
C ARG A 335 -5.79 -5.50 0.42
N LYS A 336 -5.45 -6.00 1.60
CA LYS A 336 -4.17 -5.68 2.27
C LYS A 336 -2.97 -6.19 1.46
N TYR A 337 -3.15 -7.33 0.79
CA TYR A 337 -2.12 -7.87 -0.05
C TYR A 337 -2.56 -8.00 -1.50
N SER A 338 -3.60 -7.26 -1.90
CA SER A 338 -4.19 -7.44 -3.23
C SER A 338 -3.26 -7.05 -4.37
N VAL A 339 -2.30 -6.16 -4.09
CA VAL A 339 -1.23 -5.91 -5.06
C VAL A 339 -0.42 -7.19 -5.22
N TRP A 340 0.06 -7.76 -4.11
CA TRP A 340 0.81 -9.01 -4.18
C TRP A 340 0.03 -10.13 -4.86
N ILE A 341 -1.24 -10.28 -4.49
CA ILE A 341 -2.08 -11.31 -5.08
C ILE A 341 -2.21 -11.12 -6.60
N GLY A 342 -2.52 -9.91 -7.04
CA GLY A 342 -2.58 -9.60 -8.46
C GLY A 342 -1.32 -10.04 -9.20
N GLY A 343 -0.19 -9.85 -8.54
CA GLY A 343 1.11 -10.31 -9.06
C GLY A 343 1.18 -11.82 -9.16
N SER A 344 0.71 -12.49 -8.11
CA SER A 344 0.63 -13.95 -8.13
C SER A 344 -0.20 -14.47 -9.29
N ILE A 345 -1.40 -13.94 -9.49
CA ILE A 345 -2.23 -14.37 -10.61
C ILE A 345 -1.54 -14.03 -11.94
N LEU A 346 -1.07 -12.79 -12.05
CA LEU A 346 -0.45 -12.36 -13.28
C LEU A 346 0.76 -13.23 -13.66
N ALA A 347 1.73 -13.33 -12.76
CA ALA A 347 2.94 -14.10 -13.04
C ALA A 347 2.71 -15.61 -13.26
N SER A 348 1.51 -16.11 -12.94
CA SER A 348 1.17 -17.53 -13.13
C SER A 348 0.48 -17.81 -14.45
N LEU A 349 -0.03 -16.79 -15.14
CA LEU A 349 -0.83 -17.02 -16.35
C LEU A 349 -0.05 -17.65 -17.49
N SER A 350 -0.72 -18.56 -18.19
CA SER A 350 -0.24 -19.12 -19.45
C SER A 350 0.37 -18.06 -20.38
N THR A 351 -0.44 -17.07 -20.77
CA THR A 351 -0.01 -16.00 -21.69
C THR A 351 1.11 -15.09 -21.14
N PHE A 352 1.16 -14.86 -19.83
CA PHE A 352 2.15 -13.93 -19.34
C PHE A 352 3.56 -14.40 -19.66
N GLN A 353 3.72 -15.71 -19.82
CA GLN A 353 5.04 -16.29 -19.91
C GLN A 353 5.92 -15.68 -21.01
N GLN A 354 5.28 -15.12 -22.03
CA GLN A 354 6.01 -14.44 -23.11
C GLN A 354 6.48 -13.02 -22.78
N MET A 355 6.05 -12.48 -21.65
CA MET A 355 6.24 -11.05 -21.34
C MET A 355 7.45 -10.77 -20.46
N TRP A 356 8.00 -11.82 -19.85
CA TRP A 356 9.17 -11.65 -19.02
C TRP A 356 10.24 -11.03 -19.86
N ILE A 357 10.98 -10.10 -19.29
CA ILE A 357 12.23 -9.68 -19.90
C ILE A 357 13.30 -10.70 -19.46
N THR A 358 13.84 -11.44 -20.43
CA THR A 358 14.84 -12.44 -20.13
C THR A 358 16.18 -11.77 -20.11
N LYS A 359 17.10 -12.37 -19.34
CA LYS A 359 18.49 -11.95 -19.25
C LYS A 359 19.07 -11.73 -20.64
N GLN A 360 18.71 -12.62 -21.57
CA GLN A 360 19.17 -12.51 -22.95
C GLN A 360 18.67 -11.23 -23.60
N GLU A 361 17.37 -11.01 -23.58
CA GLU A 361 16.79 -9.78 -24.12
C GLU A 361 17.43 -8.55 -23.48
N TYR A 362 17.70 -8.61 -22.18
CA TYR A 362 18.37 -7.51 -21.49
C TYR A 362 19.80 -7.24 -22.04
N ASP A 363 20.60 -8.29 -22.16
CA ASP A 363 21.95 -8.15 -22.69
C ASP A 363 21.94 -7.50 -24.07
N GLU A 364 20.96 -7.85 -24.90
CA GLU A 364 20.80 -7.26 -26.23
C GLU A 364 20.33 -5.82 -26.22
N ALA A 365 19.32 -5.54 -25.40
CA ALA A 365 18.65 -4.24 -25.47
C ALA A 365 19.14 -3.22 -24.45
N GLY A 366 19.63 -3.67 -23.31
CA GLY A 366 19.87 -2.80 -22.18
C GLY A 366 18.61 -2.60 -21.33
N PRO A 367 18.70 -1.81 -20.27
CA PRO A 367 17.57 -1.62 -19.33
C PRO A 367 16.30 -0.93 -19.90
N SER A 368 16.40 -0.13 -20.95
CA SER A 368 15.24 0.58 -21.48
C SER A 368 14.16 -0.39 -21.98
N ILE A 369 14.59 -1.62 -22.31
CA ILE A 369 13.65 -2.66 -22.64
C ILE A 369 12.48 -2.76 -21.65
N VAL A 370 12.71 -2.39 -20.39
CA VAL A 370 11.74 -2.61 -19.31
C VAL A 370 10.41 -1.86 -19.49
N HIS A 371 10.47 -0.80 -20.27
CA HIS A 371 9.35 0.10 -20.39
C HIS A 371 8.23 -0.40 -21.30
N ARG A 372 8.56 -1.21 -22.29
CA ARG A 372 7.53 -1.70 -23.19
C ARG A 372 6.77 -2.83 -22.50
N LYS A 373 6.07 -2.45 -21.44
CA LYS A 373 5.28 -3.36 -20.61
C LYS A 373 3.79 -3.15 -20.91
N CYS A 374 2.92 -3.78 -20.13
CA CYS A 374 1.45 -3.75 -20.33
C CYS A 374 0.72 -3.70 -18.99
N PHE A 375 1.54 -3.66 -17.92
CA PHE A 375 1.10 -3.80 -16.55
C PHE A 375 1.91 -2.85 -15.62
S SO4 B . 11.77 3.79 22.46
O1 SO4 B . 10.82 2.67 22.50
O2 SO4 B . 11.08 5.07 22.55
O3 SO4 B . 12.57 3.75 21.24
O4 SO4 B . 12.65 3.68 23.62
CA CA C . 2.16 -0.37 -1.39
PG ATP D . 3.01 2.33 0.58
O1G ATP D . 4.37 2.36 -0.07
O2G ATP D . 2.59 3.65 1.20
O3G ATP D . 1.87 1.73 -0.23
PB ATP D . 3.00 -0.23 2.03
O1B ATP D . 4.00 -0.75 3.02
O2B ATP D . 2.92 -0.88 0.68
O3B ATP D . 3.25 1.37 1.88
PA ATP D . 0.68 -1.61 2.77
O1A ATP D . -0.47 -1.66 1.76
O2A ATP D . 1.65 -2.76 2.79
O3A ATP D . 1.55 -0.25 2.67
O5' ATP D . -0.04 -1.38 4.21
C5' ATP D . 0.68 -1.13 5.41
C4' ATP D . -0.12 -0.15 6.28
O4' ATP D . -1.48 -0.61 6.39
C3' ATP D . 0.45 -0.09 7.70
O3' ATP D . 0.47 1.24 8.19
C2' ATP D . -0.55 -0.88 8.53
O2' ATP D . -0.69 -0.42 9.87
C1' ATP D . -1.84 -0.70 7.76
N9 ATP D . -2.77 -1.81 8.06
C8 ATP D . -2.56 -3.14 7.94
N7 ATP D . -3.68 -3.80 8.32
C5 ATP D . -4.61 -2.90 8.68
C6 ATP D . -6.02 -2.89 9.18
N6 ATP D . -6.72 -4.02 9.40
N1 ATP D . -6.60 -1.70 9.42
C2 ATP D . -5.96 -0.51 9.24
N3 ATP D . -4.69 -0.44 8.80
C4 ATP D . -3.99 -1.59 8.51
#